data_9LMS
#
_entry.id   9LMS
#
_cell.length_a   51.000
_cell.length_b   51.018
_cell.length_c   83.971
_cell.angle_alpha   90.00
_cell.angle_beta   90.00
_cell.angle_gamma   90.00
#
_symmetry.space_group_name_H-M   'P 21 21 21'
#
loop_
_entity.id
_entity.type
_entity.pdbx_description
1 polymer 'Poly(ethylene terephthalate) hydrolase'
2 non-polymer 2-acetamido-2-deoxy-beta-D-glucopyranose
3 water water
#
_entity_poly.entity_id   1
_entity_poly.type   'polypeptide(L)'
_entity_poly.pdbx_seq_one_letter_code
;FNPYARGPNPTAASLEASAGPFTVRSFTVSRPSGYGAGTVYYPTNAGGTVGAIAIVPGYTARQSSIKWWGPRLASHGFVV
ITIDTNSTLDQPESRSSQQMAALRQVASLNGTSSSPIYGKVDTARMGVMGWSMGGGGSLISAANNPSLKAAAPQAPWHSS
TNFSSVTVPTLIFACENDSIAPVASSALPIYDSMSQNAKQFLEICGGSHSCANSGNSNQALIGKKGVAWMKRFMDNDTRY
STFACENPNSTAVCDFRTANCS
;
_entity_poly.pdbx_strand_id   A
#
# COMPACT_ATOMS: atom_id res chain seq x y z
N PHE A 1 16.16 -18.30 10.41
CA PHE A 1 14.72 -18.49 10.03
C PHE A 1 13.95 -17.19 10.34
N ASN A 2 13.00 -16.84 9.49
CA ASN A 2 12.22 -15.58 9.62
C ASN A 2 10.80 -15.97 10.03
N PRO A 3 10.37 -15.64 11.26
CA PRO A 3 9.07 -16.05 11.76
C PRO A 3 7.92 -15.43 10.96
N TYR A 4 8.19 -14.36 10.21
CA TYR A 4 7.15 -13.66 9.42
C TYR A 4 7.08 -14.13 7.97
N ALA A 5 7.99 -14.99 7.50
CA ALA A 5 7.95 -15.48 6.11
C ALA A 5 6.70 -16.30 5.90
N ARG A 6 5.95 -15.99 4.84
CA ARG A 6 4.72 -16.72 4.47
C ARG A 6 4.81 -17.08 3.00
N GLY A 7 4.22 -18.21 2.65
CA GLY A 7 4.03 -18.55 1.25
C GLY A 7 5.31 -19.06 0.58
N PRO A 8 5.14 -19.52 -0.66
CA PRO A 8 6.20 -20.14 -1.43
C PRO A 8 7.23 -19.11 -1.88
N ASN A 9 8.42 -19.60 -2.20
CA ASN A 9 9.46 -18.71 -2.77
C ASN A 9 8.91 -18.00 -3.99
N PRO A 10 9.02 -16.67 -4.05
CA PRO A 10 8.47 -15.93 -5.17
C PRO A 10 9.21 -16.11 -6.49
N THR A 11 8.46 -15.96 -7.57
CA THR A 11 9.02 -15.85 -8.94
C THR A 11 8.44 -14.61 -9.58
N ALA A 12 9.06 -14.14 -10.67
CA ALA A 12 8.46 -13.03 -11.46
C ALA A 12 7.02 -13.42 -11.82
N ALA A 13 6.82 -14.63 -12.34
CA ALA A 13 5.49 -15.06 -12.81
C ALA A 13 4.49 -15.08 -11.64
N SER A 14 4.91 -15.53 -10.47
CA SER A 14 3.98 -15.70 -9.32
C SER A 14 3.60 -14.31 -8.80
N LEU A 15 4.50 -13.34 -8.94
CA LEU A 15 4.16 -11.96 -8.47
C LEU A 15 3.42 -11.16 -9.54
N GLU A 16 3.53 -11.52 -10.82
CA GLU A 16 2.82 -10.80 -11.91
C GLU A 16 1.40 -11.38 -12.10
N ALA A 17 1.16 -12.57 -11.59
CA ALA A 17 -0.17 -13.23 -11.62
C ALA A 17 -1.24 -12.36 -10.98
N SER A 18 -2.50 -12.52 -11.41
CA SER A 18 -3.63 -11.80 -10.81
CA SER A 18 -3.62 -11.78 -10.80
C SER A 18 -3.81 -12.15 -9.32
N ALA A 19 -3.46 -13.37 -8.90
CA ALA A 19 -3.67 -13.88 -7.52
C ALA A 19 -2.40 -14.54 -7.03
N GLY A 20 -2.06 -14.26 -5.79
CA GLY A 20 -1.08 -14.95 -4.97
C GLY A 20 -1.55 -16.33 -4.55
N PRO A 21 -0.77 -16.97 -3.65
CA PRO A 21 -1.00 -18.36 -3.26
C PRO A 21 -2.18 -18.59 -2.32
N PHE A 22 -2.69 -17.54 -1.66
CA PHE A 22 -3.68 -17.72 -0.57
C PHE A 22 -5.09 -17.39 -1.06
N THR A 23 -6.08 -18.12 -0.55
CA THR A 23 -7.52 -17.89 -0.78
C THR A 23 -7.94 -16.65 0.03
N VAL A 24 -8.72 -15.78 -0.59
CA VAL A 24 -9.12 -14.48 0.01
C VAL A 24 -10.63 -14.47 0.26
N ARG A 25 -11.00 -13.98 1.43
CA ARG A 25 -12.41 -13.68 1.77
C ARG A 25 -12.43 -12.23 2.26
N SER A 26 -13.64 -11.67 2.32
CA SER A 26 -13.76 -10.24 2.64
C SER A 26 -15.01 -10.01 3.48
N PHE A 27 -15.02 -8.92 4.21
CA PHE A 27 -16.26 -8.50 4.89
C PHE A 27 -16.31 -6.99 4.91
N THR A 28 -17.50 -6.44 5.11
CA THR A 28 -17.71 -5.00 5.35
C THR A 28 -17.61 -4.74 6.83
N VAL A 29 -16.83 -3.75 7.24
CA VAL A 29 -16.73 -3.41 8.67
C VAL A 29 -18.10 -2.98 9.20
N SER A 30 -18.53 -3.56 10.32
CA SER A 30 -19.95 -3.40 10.74
C SER A 30 -20.15 -2.02 11.33
N ARG A 31 -19.19 -1.57 12.15
CA ARG A 31 -19.26 -0.23 12.77
C ARG A 31 -17.92 0.50 12.60
N PRO A 32 -17.71 1.10 11.43
CA PRO A 32 -16.46 1.83 11.18
C PRO A 32 -16.21 2.84 12.31
N SER A 33 -15.02 2.82 12.81
CA SER A 33 -14.54 3.59 13.97
C SER A 33 -13.52 4.60 13.49
N GLY A 34 -13.97 5.82 13.23
CA GLY A 34 -13.08 6.96 12.89
C GLY A 34 -12.86 7.12 11.42
N TYR A 35 -13.69 6.52 10.58
CA TYR A 35 -13.61 6.69 9.10
C TYR A 35 -15.00 6.35 8.57
N GLY A 36 -15.20 6.47 7.28
CA GLY A 36 -16.52 6.39 6.64
C GLY A 36 -17.03 4.97 6.55
N ALA A 37 -16.27 4.07 5.94
CA ALA A 37 -16.68 2.68 5.67
C ALA A 37 -15.44 1.87 5.37
N GLY A 38 -15.53 0.56 5.45
CA GLY A 38 -14.35 -0.20 5.03
C GLY A 38 -14.65 -1.63 4.70
N THR A 39 -13.82 -2.17 3.83
CA THR A 39 -13.87 -3.58 3.45
C THR A 39 -12.55 -4.20 3.90
N VAL A 40 -12.63 -5.30 4.63
CA VAL A 40 -11.43 -6.07 5.03
C VAL A 40 -11.29 -7.29 4.14
N TYR A 41 -10.10 -7.44 3.52
CA TYR A 41 -9.71 -8.59 2.71
C TYR A 41 -8.71 -9.36 3.55
N TYR A 42 -8.84 -10.69 3.58
CA TYR A 42 -7.92 -11.49 4.41
C TYR A 42 -7.69 -12.86 3.80
N PRO A 43 -6.48 -13.44 4.00
CA PRO A 43 -6.23 -14.80 3.55
C PRO A 43 -6.82 -15.79 4.55
N THR A 44 -7.41 -16.85 4.04
CA THR A 44 -8.04 -17.91 4.86
C THR A 44 -7.00 -18.97 5.28
N ASN A 45 -5.80 -18.97 4.66
CA ASN A 45 -4.90 -20.14 4.72
C ASN A 45 -3.44 -19.73 4.71
N ALA A 46 -3.11 -18.58 5.27
CA ALA A 46 -1.72 -18.05 5.25
C ALA A 46 -0.78 -18.87 6.14
N GLY A 47 -1.30 -19.61 7.10
CA GLY A 47 -0.39 -20.47 7.89
C GLY A 47 0.39 -19.73 8.95
N GLY A 48 0.02 -18.50 9.24
CA GLY A 48 0.59 -17.73 10.35
C GLY A 48 -0.08 -16.39 10.40
N THR A 49 0.15 -15.65 11.47
CA THR A 49 -0.34 -14.25 11.55
C THR A 49 0.31 -13.42 10.46
N VAL A 50 -0.44 -12.43 9.97
CA VAL A 50 0.06 -11.57 8.88
C VAL A 50 -0.06 -10.09 9.27
N GLY A 51 0.76 -9.25 8.63
CA GLY A 51 0.60 -7.80 8.81
C GLY A 51 -0.69 -7.26 8.21
N ALA A 52 -0.97 -6.00 8.50
CA ALA A 52 -2.17 -5.26 8.02
C ALA A 52 -1.78 -4.03 7.22
N ILE A 53 -2.57 -3.77 6.19
CA ILE A 53 -2.32 -2.61 5.27
C ILE A 53 -3.64 -1.86 5.17
N ALA A 54 -3.61 -0.54 5.29
CA ALA A 54 -4.81 0.30 5.14
C ALA A 54 -4.61 1.20 3.92
N ILE A 55 -5.61 1.22 3.06
CA ILE A 55 -5.55 1.87 1.72
C ILE A 55 -6.67 2.90 1.61
N VAL A 56 -6.30 4.11 1.25
CA VAL A 56 -7.21 5.27 1.19
C VAL A 56 -7.35 5.77 -0.23
N PRO A 57 -8.59 6.07 -0.69
CA PRO A 57 -8.78 6.65 -2.02
C PRO A 57 -8.37 8.13 -2.13
N GLY A 58 -8.55 8.68 -3.35
CA GLY A 58 -8.32 10.09 -3.66
C GLY A 58 -9.53 10.95 -3.36
N TYR A 59 -9.38 12.23 -3.65
CA TYR A 59 -10.44 13.26 -3.49
C TYR A 59 -11.55 12.90 -4.47
N THR A 60 -12.79 12.92 -3.97
CA THR A 60 -14.07 12.52 -4.61
C THR A 60 -14.23 11.02 -4.73
N ALA A 61 -13.19 10.23 -4.46
CA ALA A 61 -13.16 8.79 -4.82
C ALA A 61 -13.57 7.92 -3.65
N ARG A 62 -13.88 6.67 -3.98
CA ARG A 62 -14.37 5.67 -3.03
C ARG A 62 -13.50 4.41 -3.14
N GLN A 63 -13.89 3.42 -2.34
CA GLN A 63 -13.11 2.16 -2.30
C GLN A 63 -12.90 1.59 -3.71
N SER A 64 -13.85 1.77 -4.61
CA SER A 64 -13.78 1.18 -5.97
CA SER A 64 -13.79 1.19 -5.98
C SER A 64 -12.45 1.55 -6.65
N SER A 65 -11.94 2.75 -6.42
CA SER A 65 -10.71 3.23 -7.09
C SER A 65 -9.49 2.45 -6.64
N ILE A 66 -9.49 1.89 -5.43
CA ILE A 66 -8.26 1.20 -4.86
C ILE A 66 -8.57 -0.26 -4.55
N LYS A 67 -9.77 -0.77 -4.86
CA LYS A 67 -10.25 -2.10 -4.40
C LYS A 67 -9.36 -3.20 -4.97
N TRP A 68 -8.77 -3.04 -6.15
CA TRP A 68 -8.02 -4.18 -6.75
C TRP A 68 -6.88 -4.58 -5.83
N TRP A 69 -6.37 -3.63 -5.03
CA TRP A 69 -5.24 -3.97 -4.12
C TRP A 69 -5.66 -4.97 -3.03
N GLY A 70 -6.94 -4.97 -2.64
CA GLY A 70 -7.38 -5.77 -1.50
C GLY A 70 -7.09 -7.24 -1.76
N PRO A 71 -7.71 -7.83 -2.79
CA PRO A 71 -7.45 -9.24 -3.09
C PRO A 71 -6.00 -9.48 -3.51
N ARG A 72 -5.43 -8.57 -4.29
CA ARG A 72 -4.05 -8.78 -4.83
C ARG A 72 -3.11 -8.94 -3.63
N LEU A 73 -3.11 -7.98 -2.70
CA LEU A 73 -2.22 -8.06 -1.52
C LEU A 73 -2.63 -9.19 -0.57
N ALA A 74 -3.92 -9.36 -0.31
CA ALA A 74 -4.34 -10.32 0.73
C ALA A 74 -3.94 -11.73 0.29
N SER A 75 -4.01 -11.98 -1.00
CA SER A 75 -3.70 -13.32 -1.60
C SER A 75 -2.23 -13.64 -1.42
N HIS A 76 -1.39 -12.66 -1.11
CA HIS A 76 0.05 -12.92 -0.79
C HIS A 76 0.31 -12.97 0.72
N GLY A 77 -0.71 -12.74 1.57
CA GLY A 77 -0.50 -12.90 3.00
C GLY A 77 -0.46 -11.57 3.74
N PHE A 78 -1.58 -10.84 3.64
CA PHE A 78 -1.83 -9.57 4.35
C PHE A 78 -3.33 -9.48 4.66
N VAL A 79 -3.65 -8.82 5.75
CA VAL A 79 -5.02 -8.30 5.99
C VAL A 79 -5.08 -6.88 5.44
N VAL A 80 -5.99 -6.61 4.54
CA VAL A 80 -5.99 -5.32 3.81
C VAL A 80 -7.33 -4.65 4.07
N ILE A 81 -7.32 -3.42 4.57
CA ILE A 81 -8.60 -2.69 4.69
C ILE A 81 -8.59 -1.53 3.68
N THR A 82 -9.63 -1.48 2.86
CA THR A 82 -9.86 -0.39 1.91
C THR A 82 -10.91 0.51 2.52
N ILE A 83 -10.69 1.81 2.57
CA ILE A 83 -11.71 2.63 3.28
C ILE A 83 -12.39 3.61 2.34
N ASP A 84 -13.61 4.01 2.73
CA ASP A 84 -14.17 5.32 2.35
C ASP A 84 -13.93 6.27 3.49
N THR A 85 -13.63 7.51 3.14
CA THR A 85 -13.43 8.61 4.09
C THR A 85 -14.77 9.16 4.58
N ASN A 86 -14.69 9.84 5.71
CA ASN A 86 -15.89 10.48 6.30
C ASN A 86 -16.56 11.36 5.24
N SER A 87 -15.80 12.12 4.49
CA SER A 87 -16.28 12.93 3.34
C SER A 87 -15.41 12.55 2.16
N THR A 88 -15.99 12.47 0.96
CA THR A 88 -15.16 12.37 -0.25
C THR A 88 -14.23 13.56 -0.39
N LEU A 89 -14.47 14.69 0.31
CA LEU A 89 -13.69 15.94 0.13
C LEU A 89 -12.70 16.19 1.28
N ASP A 90 -12.43 15.13 2.08
CA ASP A 90 -11.41 15.19 3.13
C ASP A 90 -10.04 15.44 2.48
N GLN A 91 -9.18 16.16 3.19
CA GLN A 91 -7.83 16.53 2.74
C GLN A 91 -6.84 15.51 3.30
N PRO A 92 -5.56 15.61 2.92
CA PRO A 92 -4.58 14.58 3.31
C PRO A 92 -4.44 14.37 4.82
N GLU A 93 -4.43 15.43 5.63
CA GLU A 93 -4.22 15.21 7.09
C GLU A 93 -5.37 14.37 7.62
N SER A 94 -6.61 14.68 7.24
CA SER A 94 -7.80 13.93 7.67
C SER A 94 -7.72 12.47 7.16
N ARG A 95 -7.28 12.29 5.92
CA ARG A 95 -7.13 10.96 5.32
C ARG A 95 -6.11 10.16 6.12
N SER A 96 -5.02 10.78 6.55
CA SER A 96 -4.01 10.10 7.37
C SER A 96 -4.65 9.63 8.68
N SER A 97 -5.36 10.49 9.37
CA SER A 97 -6.02 10.11 10.65
C SER A 97 -6.94 8.94 10.40
N GLN A 98 -7.73 8.98 9.34
CA GLN A 98 -8.71 7.93 9.04
C GLN A 98 -7.98 6.63 8.70
N GLN A 99 -6.89 6.72 7.93
CA GLN A 99 -6.08 5.52 7.59
C GLN A 99 -5.63 4.86 8.88
N MET A 100 -5.10 5.64 9.80
CA MET A 100 -4.59 5.06 11.06
C MET A 100 -5.76 4.54 11.89
N ALA A 101 -6.93 5.19 11.87
CA ALA A 101 -8.12 4.67 12.57
C ALA A 101 -8.52 3.31 12.00
N ALA A 102 -8.37 3.11 10.69
CA ALA A 102 -8.66 1.82 10.04
C ALA A 102 -7.66 0.79 10.54
N LEU A 103 -6.38 1.13 10.62
CA LEU A 103 -5.38 0.14 11.13
C LEU A 103 -5.77 -0.21 12.58
N ARG A 104 -6.11 0.80 13.37
CA ARG A 104 -6.54 0.58 14.78
C ARG A 104 -7.68 -0.43 14.78
N GLN A 105 -8.67 -0.24 13.91
CA GLN A 105 -9.87 -1.13 13.98
C GLN A 105 -9.48 -2.54 13.55
N VAL A 106 -8.60 -2.68 12.57
CA VAL A 106 -8.13 -4.04 12.20
C VAL A 106 -7.48 -4.66 13.45
N ALA A 107 -6.64 -3.93 14.18
CA ALA A 107 -5.99 -4.46 15.41
C ALA A 107 -7.06 -4.86 16.43
N SER A 108 -8.13 -4.10 16.53
CA SER A 108 -9.26 -4.42 17.44
CA SER A 108 -9.32 -4.38 17.39
C SER A 108 -9.95 -5.70 17.01
N LEU A 109 -10.18 -5.89 15.72
CA LEU A 109 -10.88 -7.08 15.21
C LEU A 109 -10.01 -8.33 15.44
N ASN A 110 -8.68 -8.21 15.47
CA ASN A 110 -7.75 -9.35 15.80
C ASN A 110 -8.13 -9.92 17.17
N GLY A 111 -8.64 -9.06 18.04
CA GLY A 111 -8.95 -9.39 19.45
C GLY A 111 -10.42 -9.64 19.69
N THR A 112 -11.23 -9.68 18.63
CA THR A 112 -12.73 -9.76 18.65
C THR A 112 -13.12 -11.15 18.17
N SER A 113 -13.59 -12.00 19.08
CA SER A 113 -13.79 -13.42 18.74
C SER A 113 -14.79 -13.63 17.61
N SER A 114 -15.76 -12.72 17.39
CA SER A 114 -16.77 -12.83 16.30
C SER A 114 -16.18 -12.47 14.93
N SER A 115 -15.02 -11.85 14.86
CA SER A 115 -14.50 -11.31 13.58
C SER A 115 -13.87 -12.42 12.74
N PRO A 116 -14.07 -12.45 11.41
CA PRO A 116 -13.30 -13.36 10.56
C PRO A 116 -11.77 -13.20 10.65
N ILE A 117 -11.24 -12.07 11.15
CA ILE A 117 -9.76 -11.91 11.30
C ILE A 117 -9.31 -12.10 12.74
N TYR A 118 -10.15 -12.69 13.62
CA TYR A 118 -9.75 -13.02 14.99
C TYR A 118 -8.42 -13.80 14.95
N GLY A 119 -7.41 -13.32 15.66
CA GLY A 119 -6.08 -13.92 15.78
C GLY A 119 -5.34 -14.08 14.46
N LYS A 120 -5.75 -13.41 13.37
CA LYS A 120 -5.02 -13.51 12.08
C LYS A 120 -3.97 -12.42 11.93
N VAL A 121 -3.98 -11.39 12.76
CA VAL A 121 -3.13 -10.19 12.54
C VAL A 121 -1.96 -10.14 13.53
N ASP A 122 -0.77 -9.83 13.01
CA ASP A 122 0.36 -9.32 13.78
C ASP A 122 0.21 -7.80 13.78
N THR A 123 -0.34 -7.24 14.86
CA THR A 123 -0.58 -5.79 14.97
C THR A 123 0.73 -4.98 15.02
N ALA A 124 1.89 -5.60 15.17
CA ALA A 124 3.16 -4.87 15.22
C ALA A 124 3.70 -4.63 13.79
N ARG A 125 3.03 -5.15 12.76
CA ARG A 125 3.56 -5.08 11.37
C ARG A 125 2.50 -4.49 10.44
N MET A 126 2.62 -3.21 10.10
CA MET A 126 1.53 -2.50 9.42
C MET A 126 2.11 -1.68 8.27
N GLY A 127 1.25 -1.45 7.29
CA GLY A 127 1.60 -0.72 6.07
C GLY A 127 0.50 0.24 5.64
N VAL A 128 0.87 1.24 4.86
CA VAL A 128 -0.04 2.32 4.38
C VAL A 128 0.11 2.47 2.87
N MET A 129 -1.02 2.53 2.19
CA MET A 129 -1.12 2.86 0.77
C MET A 129 -2.30 3.79 0.52
N GLY A 130 -2.33 4.37 -0.66
CA GLY A 130 -3.45 5.19 -1.05
C GLY A 130 -3.15 6.00 -2.29
N TRP A 131 -4.23 6.52 -2.86
CA TRP A 131 -4.20 7.26 -4.14
C TRP A 131 -4.32 8.75 -3.89
N SER A 132 -3.43 9.54 -4.51
CA SER A 132 -3.62 11.02 -4.62
C SER A 132 -3.58 11.62 -3.21
N MET A 133 -4.60 12.33 -2.77
CA MET A 133 -4.64 12.81 -1.38
C MET A 133 -4.56 11.64 -0.39
N GLY A 134 -5.04 10.45 -0.74
CA GLY A 134 -4.84 9.27 0.11
C GLY A 134 -3.39 8.79 0.09
N GLY A 135 -2.67 9.08 -0.98
CA GLY A 135 -1.21 8.87 -1.05
C GLY A 135 -0.47 9.89 -0.21
N GLY A 136 -0.89 11.15 -0.28
CA GLY A 136 -0.33 12.14 0.65
C GLY A 136 -0.58 11.74 2.07
N GLY A 137 -1.80 11.29 2.36
CA GLY A 137 -2.15 10.86 3.71
C GLY A 137 -1.28 9.71 4.19
N SER A 138 -0.94 8.78 3.28
CA SER A 138 -0.06 7.62 3.59
C SER A 138 1.33 8.13 4.00
N LEU A 139 1.83 9.16 3.31
CA LEU A 139 3.16 9.74 3.65
C LEU A 139 3.08 10.47 5.01
N ILE A 140 1.99 11.15 5.29
CA ILE A 140 1.75 11.76 6.63
C ILE A 140 1.71 10.67 7.68
N SER A 141 0.99 9.59 7.41
CA SER A 141 0.91 8.45 8.35
C SER A 141 2.32 7.92 8.68
N ALA A 142 3.15 7.78 7.66
CA ALA A 142 4.51 7.26 7.81
C ALA A 142 5.37 8.24 8.63
N ALA A 143 5.25 9.55 8.33
CA ALA A 143 6.00 10.63 9.02
C ALA A 143 5.61 10.61 10.49
N ASN A 144 4.33 10.42 10.81
CA ASN A 144 3.84 10.51 12.20
C ASN A 144 4.04 9.21 12.95
N ASN A 145 4.17 8.07 12.25
CA ASN A 145 4.17 6.73 12.89
C ASN A 145 5.32 5.93 12.30
N PRO A 146 6.57 6.21 12.73
CA PRO A 146 7.74 5.58 12.11
C PRO A 146 7.86 4.10 12.39
N SER A 147 7.00 3.54 13.24
CA SER A 147 6.94 2.09 13.44
C SER A 147 6.24 1.36 12.31
N LEU A 148 5.55 2.09 11.43
CA LEU A 148 4.98 1.51 10.22
C LEU A 148 6.13 0.85 9.46
N LYS A 149 5.89 -0.32 8.91
CA LYS A 149 6.97 -1.08 8.25
C LYS A 149 7.09 -0.74 6.76
N ALA A 150 6.06 -0.18 6.14
CA ALA A 150 6.16 0.15 4.71
C ALA A 150 5.06 1.11 4.28
N ALA A 151 5.36 1.89 3.27
CA ALA A 151 4.39 2.80 2.62
C ALA A 151 4.53 2.57 1.13
N ALA A 152 3.42 2.61 0.42
CA ALA A 152 3.46 2.51 -1.07
C ALA A 152 2.31 3.31 -1.67
N PRO A 153 2.33 4.65 -1.54
CA PRO A 153 1.32 5.52 -2.15
C PRO A 153 1.42 5.56 -3.68
N GLN A 154 0.33 5.96 -4.33
CA GLN A 154 0.28 6.09 -5.81
C GLN A 154 -0.25 7.46 -6.19
N ALA A 155 0.47 8.13 -7.07
CA ALA A 155 0.14 9.46 -7.64
C ALA A 155 -0.10 10.39 -6.47
N PRO A 156 0.80 10.45 -5.47
CA PRO A 156 0.47 11.20 -4.27
C PRO A 156 0.32 12.70 -4.53
N TRP A 157 -0.50 13.33 -3.68
CA TRP A 157 -0.55 14.80 -3.59
C TRP A 157 -0.64 15.23 -2.14
N HIS A 158 0.11 16.27 -1.81
CA HIS A 158 0.10 16.96 -0.51
C HIS A 158 0.49 18.42 -0.83
N SER A 159 0.01 19.32 -0.01
CA SER A 159 0.26 20.78 -0.16
C SER A 159 1.72 21.02 0.16
N SER A 160 2.44 20.07 0.76
CA SER A 160 3.91 20.16 0.98
C SER A 160 4.55 18.94 0.35
N THR A 161 5.70 19.10 -0.33
CA THR A 161 6.45 17.93 -0.88
C THR A 161 7.53 17.46 0.08
N ASN A 162 7.67 18.12 1.24
CA ASN A 162 8.81 17.82 2.12
C ASN A 162 8.49 16.69 3.08
N PHE A 163 8.92 15.45 2.79
CA PHE A 163 8.75 14.28 3.67
C PHE A 163 10.12 13.80 4.17
N SER A 164 11.05 14.74 4.38
CA SER A 164 12.42 14.43 4.86
C SER A 164 12.36 13.72 6.22
N SER A 165 11.29 13.86 7.01
CA SER A 165 11.19 13.13 8.31
C SER A 165 10.93 11.63 8.17
N VAL A 166 10.54 11.16 6.99
CA VAL A 166 10.06 9.75 6.83
C VAL A 166 11.24 8.77 6.88
N THR A 167 11.16 7.82 7.80
CA THR A 167 12.18 6.77 7.95
C THR A 167 11.59 5.41 7.59
N VAL A 168 10.32 5.38 7.21
CA VAL A 168 9.63 4.14 6.76
C VAL A 168 10.01 3.82 5.31
N PRO A 169 10.31 2.58 4.95
CA PRO A 169 10.54 2.21 3.55
C PRO A 169 9.36 2.61 2.67
N THR A 170 9.64 3.42 1.66
CA THR A 170 8.56 4.07 0.89
C THR A 170 8.76 3.88 -0.61
N LEU A 171 7.78 3.28 -1.27
CA LEU A 171 7.69 3.12 -2.72
C LEU A 171 6.65 4.12 -3.21
N ILE A 172 7.04 4.95 -4.15
CA ILE A 172 6.13 5.92 -4.79
C ILE A 172 5.81 5.46 -6.20
N PHE A 173 4.57 5.13 -6.45
CA PHE A 173 4.07 4.94 -7.84
C PHE A 173 3.70 6.31 -8.37
N ALA A 174 4.07 6.56 -9.62
CA ALA A 174 3.77 7.85 -10.27
C ALA A 174 3.24 7.57 -11.66
N CYS A 175 2.57 8.55 -12.24
CA CYS A 175 1.87 8.37 -13.52
C CYS A 175 2.41 9.43 -14.51
N GLU A 176 3.02 9.00 -15.61
CA GLU A 176 3.85 9.91 -16.44
C GLU A 176 3.08 11.19 -16.83
N ASN A 177 1.89 10.97 -17.31
CA ASN A 177 1.08 12.06 -17.94
C ASN A 177 0.13 12.66 -16.92
N ASP A 178 0.39 12.49 -15.62
CA ASP A 178 -0.50 13.03 -14.56
C ASP A 178 -0.65 14.54 -14.75
N SER A 179 -1.88 15.03 -14.87
CA SER A 179 -2.12 16.48 -14.96
C SER A 179 -2.87 17.00 -13.72
N ILE A 180 -3.19 16.13 -12.75
CA ILE A 180 -3.82 16.50 -11.46
C ILE A 180 -2.71 16.82 -10.44
N ALA A 181 -1.78 15.90 -10.26
CA ALA A 181 -0.58 16.06 -9.39
C ALA A 181 0.63 15.70 -10.23
N PRO A 182 1.08 16.66 -11.08
CA PRO A 182 2.14 16.39 -12.03
C PRO A 182 3.37 15.82 -11.32
N VAL A 183 3.96 14.84 -11.98
CA VAL A 183 5.14 14.15 -11.41
C VAL A 183 6.20 15.16 -11.03
N ALA A 184 6.51 16.10 -11.93
CA ALA A 184 7.62 17.04 -11.72
C ALA A 184 7.36 17.94 -10.50
N SER A 185 6.13 18.23 -10.10
CA SER A 185 5.86 19.11 -8.94
C SER A 185 5.30 18.36 -7.70
N SER A 186 4.98 17.08 -7.81
CA SER A 186 4.36 16.30 -6.70
CA SER A 186 4.35 16.30 -6.72
C SER A 186 5.19 15.03 -6.43
N ALA A 187 4.96 13.97 -7.18
CA ALA A 187 5.57 12.67 -6.86
C ALA A 187 7.10 12.76 -6.79
N LEU A 188 7.75 13.38 -7.77
CA LEU A 188 9.24 13.30 -7.79
C LEU A 188 9.86 14.15 -6.69
N PRO A 189 9.41 15.40 -6.47
CA PRO A 189 9.90 16.19 -5.34
C PRO A 189 9.65 15.49 -3.99
N ILE A 190 8.47 14.87 -3.82
CA ILE A 190 8.18 14.06 -2.60
C ILE A 190 9.26 12.97 -2.47
N TYR A 191 9.52 12.23 -3.54
CA TYR A 191 10.56 11.16 -3.52
C TYR A 191 11.93 11.74 -3.14
N ASP A 192 12.28 12.86 -3.78
CA ASP A 192 13.64 13.42 -3.61
C ASP A 192 13.82 13.95 -2.19
N SER A 193 12.74 14.33 -1.50
CA SER A 193 12.83 14.88 -0.13
C SER A 193 13.27 13.82 0.87
N MET A 194 13.03 12.53 0.62
CA MET A 194 13.21 11.46 1.61
C MET A 194 14.68 10.99 1.60
N SER A 195 15.40 11.26 2.67
CA SER A 195 16.87 11.09 2.80
C SER A 195 17.22 9.92 3.74
N GLN A 196 16.34 9.45 4.60
CA GLN A 196 16.67 8.55 5.73
C GLN A 196 16.27 7.11 5.42
N ASN A 197 15.51 6.88 4.36
CA ASN A 197 14.84 5.57 4.23
C ASN A 197 15.30 4.78 3.01
N ALA A 198 15.00 3.49 3.04
CA ALA A 198 14.83 2.70 1.81
C ALA A 198 13.70 3.36 1.00
N LYS A 199 13.89 3.61 -0.28
CA LYS A 199 12.82 4.27 -1.06
C LYS A 199 12.91 3.89 -2.52
N GLN A 200 11.79 4.03 -3.22
CA GLN A 200 11.80 3.71 -4.65
C GLN A 200 10.77 4.58 -5.34
N PHE A 201 11.04 4.90 -6.60
CA PHE A 201 10.19 5.73 -7.48
C PHE A 201 9.92 4.94 -8.75
N LEU A 202 8.65 4.74 -9.09
CA LEU A 202 8.30 3.98 -10.30
C LEU A 202 7.21 4.73 -11.05
N GLU A 203 7.59 5.32 -12.19
CA GLU A 203 6.63 6.11 -13.01
C GLU A 203 6.13 5.24 -14.17
N ILE A 204 4.82 5.15 -14.32
CA ILE A 204 4.20 4.30 -15.36
C ILE A 204 4.04 5.12 -16.65
N CYS A 205 4.60 4.60 -17.75
CA CYS A 205 4.50 5.24 -19.08
C CYS A 205 3.03 5.52 -19.46
N GLY A 206 2.80 6.73 -19.94
CA GLY A 206 1.54 7.23 -20.49
C GLY A 206 0.42 7.34 -19.46
N GLY A 207 0.75 7.22 -18.15
CA GLY A 207 -0.32 7.09 -17.16
C GLY A 207 -0.99 8.42 -16.88
N SER A 208 -2.32 8.41 -16.76
CA SER A 208 -3.07 9.53 -16.17
C SER A 208 -3.00 9.40 -14.65
N HIS A 209 -3.60 10.33 -13.95
CA HIS A 209 -3.62 10.35 -12.48
C HIS A 209 -4.14 9.02 -11.94
N SER A 210 -4.97 8.27 -12.68
CA SER A 210 -5.63 7.03 -12.23
C SER A 210 -4.83 5.79 -12.65
N CYS A 211 -3.56 5.91 -13.02
CA CYS A 211 -2.78 4.83 -13.68
C CYS A 211 -2.51 3.61 -12.79
N ALA A 212 -2.70 3.71 -11.47
CA ALA A 212 -2.47 2.59 -10.55
C ALA A 212 -3.79 2.20 -9.86
N ASN A 213 -4.90 2.66 -10.39
CA ASN A 213 -6.24 2.40 -9.81
C ASN A 213 -6.82 1.07 -10.29
N SER A 214 -7.93 0.66 -9.69
CA SER A 214 -8.69 -0.53 -10.17
C SER A 214 -8.95 -0.33 -11.67
N GLY A 215 -8.76 -1.37 -12.47
CA GLY A 215 -9.01 -1.23 -13.93
C GLY A 215 -7.80 -0.75 -14.70
N ASN A 216 -6.63 -0.55 -14.05
CA ASN A 216 -5.41 -0.20 -14.80
C ASN A 216 -4.91 -1.39 -15.63
N SER A 217 -4.20 -1.10 -16.72
CA SER A 217 -3.68 -2.10 -17.69
C SER A 217 -2.28 -2.56 -17.30
N ASN A 218 -1.78 -2.20 -16.11
CA ASN A 218 -0.43 -2.61 -15.68
C ASN A 218 -0.46 -3.36 -14.34
N GLN A 219 -1.50 -4.17 -14.11
CA GLN A 219 -1.62 -4.87 -12.81
C GLN A 219 -0.47 -5.87 -12.61
N ALA A 220 0.06 -6.44 -13.67
CA ALA A 220 1.21 -7.37 -13.55
C ALA A 220 2.41 -6.65 -12.89
N LEU A 221 2.82 -5.52 -13.45
CA LEU A 221 4.02 -4.81 -12.96
C LEU A 221 3.69 -4.15 -11.61
N ILE A 222 2.63 -3.38 -11.58
CA ILE A 222 2.30 -2.55 -10.37
C ILE A 222 2.06 -3.50 -9.20
N GLY A 223 1.30 -4.58 -9.40
CA GLY A 223 1.02 -5.57 -8.37
C GLY A 223 2.27 -6.30 -7.94
N LYS A 224 3.12 -6.66 -8.90
CA LYS A 224 4.41 -7.31 -8.53
C LYS A 224 5.20 -6.38 -7.60
N LYS A 225 5.30 -5.10 -7.95
CA LYS A 225 6.15 -4.17 -7.17
C LYS A 225 5.51 -3.91 -5.80
N GLY A 226 4.20 -3.71 -5.76
CA GLY A 226 3.54 -3.39 -4.48
C GLY A 226 3.63 -4.57 -3.53
N VAL A 227 3.37 -5.77 -4.03
CA VAL A 227 3.49 -6.98 -3.17
C VAL A 227 4.96 -7.15 -2.74
N ALA A 228 5.90 -6.97 -3.67
CA ALA A 228 7.32 -7.23 -3.35
C ALA A 228 7.77 -6.27 -2.26
N TRP A 229 7.39 -4.99 -2.41
CA TRP A 229 7.75 -3.97 -1.40
C TRP A 229 7.16 -4.33 -0.05
N MET A 230 5.87 -4.66 0.00
CA MET A 230 5.23 -4.97 1.29
C MET A 230 5.83 -6.25 1.88
N LYS A 231 6.07 -7.26 1.08
CA LYS A 231 6.67 -8.51 1.60
C LYS A 231 8.05 -8.23 2.19
N ARG A 232 8.86 -7.49 1.43
CA ARG A 232 10.25 -7.24 1.82
C ARG A 232 10.22 -6.54 3.17
N PHE A 233 9.43 -5.49 3.30
CA PHE A 233 9.58 -4.59 4.47
C PHE A 233 8.59 -4.94 5.58
N MET A 234 7.36 -5.34 5.27
CA MET A 234 6.44 -5.68 6.36
C MET A 234 6.84 -7.03 6.99
N ASP A 235 7.36 -7.96 6.20
CA ASP A 235 7.68 -9.34 6.68
C ASP A 235 9.20 -9.51 6.85
N ASN A 236 10.00 -8.48 6.58
CA ASN A 236 11.47 -8.57 6.67
CA ASN A 236 11.48 -8.56 6.67
C ASN A 236 11.94 -9.72 5.80
N ASP A 237 11.28 -9.91 4.67
CA ASP A 237 11.38 -11.16 3.88
C ASP A 237 12.37 -10.89 2.75
N THR A 238 13.65 -11.19 2.99
CA THR A 238 14.70 -10.92 1.99
C THR A 238 14.60 -11.85 0.78
N ARG A 239 13.68 -12.84 0.77
CA ARG A 239 13.42 -13.58 -0.49
C ARG A 239 12.95 -12.57 -1.55
N TYR A 240 12.39 -11.45 -1.11
CA TYR A 240 11.79 -10.42 -1.98
C TYR A 240 12.76 -9.28 -2.23
N SER A 241 13.99 -9.35 -1.74
CA SER A 241 14.93 -8.19 -1.85
C SER A 241 15.16 -7.83 -3.32
N THR A 242 15.44 -8.79 -4.20
CA THR A 242 15.68 -8.48 -5.65
C THR A 242 14.40 -7.89 -6.26
N PHE A 243 13.26 -8.53 -6.08
CA PHE A 243 11.99 -8.01 -6.66
C PHE A 243 11.71 -6.62 -6.09
N ALA A 244 11.98 -6.38 -4.81
CA ALA A 244 11.71 -5.06 -4.19
C ALA A 244 12.66 -4.01 -4.76
N CYS A 245 13.95 -4.33 -4.96
CA CYS A 245 14.96 -3.29 -5.21
C CYS A 245 15.25 -3.13 -6.69
N GLU A 246 14.88 -4.09 -7.55
CA GLU A 246 15.40 -4.08 -8.94
C GLU A 246 14.70 -2.99 -9.76
N ASN A 247 15.41 -2.48 -10.76
CA ASN A 247 14.77 -1.76 -11.87
C ASN A 247 14.11 -2.82 -12.73
N PRO A 248 12.77 -2.86 -12.82
CA PRO A 248 12.12 -4.00 -13.45
C PRO A 248 12.24 -4.19 -14.98
N ASN A 249 12.77 -3.28 -15.77
CA ASN A 249 13.05 -3.75 -17.17
C ASN A 249 11.72 -4.06 -17.85
N SER A 250 10.77 -3.14 -17.75
CA SER A 250 9.38 -3.25 -18.24
C SER A 250 9.19 -2.07 -19.18
N THR A 251 8.44 -2.29 -20.27
CA THR A 251 8.14 -1.24 -21.26
C THR A 251 7.27 -0.19 -20.60
N ALA A 252 6.57 -0.58 -19.54
CA ALA A 252 5.62 0.27 -18.82
C ALA A 252 6.35 1.26 -17.92
N VAL A 253 7.65 1.14 -17.70
CA VAL A 253 8.36 1.99 -16.70
C VAL A 253 9.08 3.11 -17.41
N CYS A 254 8.65 4.34 -17.15
CA CYS A 254 9.21 5.54 -17.82
C CYS A 254 10.10 6.36 -16.88
N ASP A 255 10.16 6.06 -15.58
CA ASP A 255 11.13 6.69 -14.67
C ASP A 255 11.31 5.72 -13.53
N PHE A 256 12.53 5.57 -13.08
CA PHE A 256 12.84 4.63 -11.99
C PHE A 256 13.90 5.28 -11.13
N ARG A 257 13.77 5.18 -9.82
CA ARG A 257 14.84 5.61 -8.90
C ARG A 257 14.78 4.68 -7.72
N THR A 258 15.88 4.40 -7.04
CA THR A 258 15.82 3.68 -5.75
C THR A 258 17.02 4.08 -4.93
N ALA A 259 16.88 4.04 -3.61
CA ALA A 259 17.98 4.34 -2.68
C ALA A 259 17.87 3.54 -1.40
N ASN A 260 19.01 3.12 -0.83
CA ASN A 260 19.06 2.47 0.49
C ASN A 260 18.19 1.20 0.48
N CYS A 261 18.11 0.54 -0.67
CA CYS A 261 17.29 -0.67 -0.82
C CYS A 261 18.19 -1.89 -0.69
N SER A 262 17.78 -2.87 0.09
CA SER A 262 18.54 -4.11 0.33
C SER A 262 17.50 -5.19 0.57
#